data_7ZVI
#
_entry.id   7ZVI
#
_cell.length_a   88.218
_cell.length_b   88.218
_cell.length_c   110.489
_cell.angle_alpha   90.000
_cell.angle_beta   90.000
_cell.angle_gamma   120.000
#
_symmetry.space_group_name_H-M   'P 32 2 1'
#
loop_
_entity.id
_entity.type
_entity.pdbx_description
1 polymer Orf22
2 polymer Sri
3 water water
#
loop_
_entity_poly.entity_id
_entity_poly.type
_entity_poly.pdbx_seq_one_letter_code
_entity_poly.pdbx_strand_id
1 'polypeptide(L)'
;MIYMTFGEILKKERVSWKLSVKELSTLSGVSQTYISKLENGKRNFPSLETIFNLLIGFKTHIEYKMGSESPFYEINNSYL
DEILIMFINSSNSTISDRDPNELITQFNEYYDVTIKKKQNENSKIESDIFSNKIKLVKGTTKKEVIEKPYFDLNWLLTQN
EYEVFFDRSFLLDNNFLNKKHFTEKDMYYYNVLNDNDLKTIKDEIVVFLLNKYNYIKNKDDFFNIFTNSEDDKTKRDALY
KILYETD
;
A
2 'polypeptide(L)' GAMDPMVTKEFLKIKLECSDMYAQKLIDEAQGDENKLYDLFIQKLAERHTRPAIVEY E
#
# COMPACT_ATOMS: atom_id res chain seq x y z
N ILE A 2 18.47 -5.97 28.91
CA ILE A 2 17.94 -4.59 29.16
C ILE A 2 16.99 -4.23 28.01
N TYR A 3 15.68 -4.26 28.28
CA TYR A 3 14.62 -3.94 27.28
C TYR A 3 14.44 -2.42 27.18
N MET A 4 13.90 -1.98 26.05
CA MET A 4 13.48 -0.57 25.80
C MET A 4 11.98 -0.45 26.10
N THR A 5 11.51 0.76 26.42
CA THR A 5 10.08 1.08 26.66
C THR A 5 9.30 0.90 25.34
N PHE A 6 7.98 0.69 25.42
CA PHE A 6 7.07 0.51 24.26
C PHE A 6 7.24 1.69 23.29
N GLY A 7 7.25 2.91 23.82
CA GLY A 7 7.41 4.15 23.04
C GLY A 7 8.70 4.14 22.21
N GLU A 8 9.82 3.79 22.85
CA GLU A 8 11.16 3.69 22.20
C GLU A 8 11.08 2.68 21.05
N ILE A 9 10.49 1.51 21.29
CA ILE A 9 10.38 0.38 20.31
C ILE A 9 9.57 0.86 19.10
N LEU A 10 8.42 1.50 19.33
CA LEU A 10 7.50 1.98 18.26
C LEU A 10 8.24 2.94 17.33
N LYS A 11 8.90 3.96 17.90
CA LYS A 11 9.69 4.98 17.16
C LYS A 11 10.77 4.29 16.33
N LYS A 12 11.46 3.30 16.90
CA LYS A 12 12.54 2.54 16.21
C LYS A 12 11.98 1.93 14.92
N GLU A 13 10.85 1.21 15.02
CA GLU A 13 10.18 0.53 13.88
C GLU A 13 9.62 1.57 12.91
N ARG A 14 8.81 2.52 13.40
CA ARG A 14 8.19 3.56 12.56
C ARG A 14 9.26 4.21 11.66
N VAL A 15 10.40 4.58 12.27
CA VAL A 15 11.50 5.34 11.61
C VAL A 15 12.26 4.43 10.64
N SER A 16 12.56 3.19 11.06
CA SER A 16 13.33 2.19 10.27
C SER A 16 12.61 1.86 8.96
N TRP A 17 11.28 2.02 8.92
CA TRP A 17 10.42 1.83 7.72
C TRP A 17 10.19 3.17 7.00
N LYS A 18 10.93 4.22 7.38
CA LYS A 18 10.82 5.61 6.83
C LYS A 18 9.35 6.01 6.71
N LEU A 19 8.55 5.77 7.76
CA LEU A 19 7.14 6.24 7.90
C LEU A 19 7.12 7.46 8.83
N SER A 20 6.35 8.50 8.46
CA SER A 20 6.06 9.68 9.32
C SER A 20 4.87 9.37 10.22
N VAL A 21 4.75 10.07 11.35
CA VAL A 21 3.65 9.88 12.34
C VAL A 21 2.32 9.97 11.60
N LYS A 22 2.16 10.96 10.72
CA LYS A 22 0.98 11.13 9.85
C LYS A 22 0.78 9.85 9.01
N GLU A 23 1.83 9.43 8.29
CA GLU A 23 1.81 8.24 7.39
C GLU A 23 1.29 7.02 8.15
N LEU A 24 1.83 6.75 9.34
CA LEU A 24 1.47 5.59 10.19
C LEU A 24 0.06 5.78 10.77
N SER A 25 -0.30 7.02 11.12
CA SER A 25 -1.64 7.38 11.66
C SER A 25 -2.72 7.20 10.59
N THR A 26 -2.33 7.25 9.31
CA THR A 26 -3.23 6.97 8.16
C THR A 26 -3.36 5.45 7.97
N LEU A 27 -2.23 4.75 7.92
CA LEU A 27 -2.14 3.26 7.80
C LEU A 27 -2.87 2.59 8.96
N SER A 28 -2.84 3.22 10.14
CA SER A 28 -3.45 2.70 11.41
C SER A 28 -4.62 3.61 11.81
N GLY A 29 -5.55 3.09 12.61
CA GLY A 29 -6.69 3.87 13.15
C GLY A 29 -6.23 5.03 14.03
N VAL A 30 -5.00 4.95 14.57
CA VAL A 30 -4.50 5.79 15.69
C VAL A 30 -4.23 7.22 15.20
N SER A 31 -4.58 8.21 16.03
CA SER A 31 -4.41 9.67 15.75
C SER A 31 -2.92 10.03 15.71
N GLN A 32 -2.56 11.07 14.95
CA GLN A 32 -1.19 11.66 14.92
C GLN A 32 -0.75 11.99 16.35
N THR A 33 -1.62 12.61 17.14
CA THR A 33 -1.32 13.14 18.50
C THR A 33 -0.96 11.98 19.44
N TYR A 34 -1.79 10.93 19.49
CA TYR A 34 -1.63 9.77 20.41
C TYR A 34 -0.34 9.03 20.06
N ILE A 35 -0.09 8.76 18.77
CA ILE A 35 1.17 8.12 18.30
C ILE A 35 2.34 8.91 18.92
N SER A 36 2.44 10.20 18.61
CA SER A 36 3.50 11.11 19.10
C SER A 36 3.66 10.94 20.61
N LYS A 37 2.57 11.10 21.37
CA LYS A 37 2.56 11.07 22.86
C LYS A 37 3.09 9.72 23.36
N LEU A 38 2.73 8.62 22.70
CA LEU A 38 3.19 7.24 23.06
C LEU A 38 4.70 7.15 22.91
N GLU A 39 5.28 7.79 21.89
CA GLU A 39 6.72 7.71 21.55
C GLU A 39 7.55 8.54 22.54
N ASN A 40 6.95 9.59 23.13
CA ASN A 40 7.59 10.47 24.14
C ASN A 40 7.53 9.83 25.52
N GLY A 41 6.42 9.17 25.83
CA GLY A 41 6.04 8.74 27.19
C GLY A 41 5.20 9.81 27.88
N LYS A 42 4.56 10.68 27.09
CA LYS A 42 3.52 11.63 27.56
C LYS A 42 2.19 10.88 27.67
N ARG A 43 2.10 9.70 27.06
CA ARG A 43 1.03 8.70 27.31
C ARG A 43 1.68 7.40 27.80
N ASN A 44 1.05 6.75 28.79
CA ASN A 44 1.50 5.45 29.37
C ASN A 44 1.41 4.35 28.32
N PHE A 45 1.82 3.13 28.68
CA PHE A 45 1.63 1.90 27.85
C PHE A 45 0.20 1.84 27.37
N PRO A 46 -0.06 1.68 26.05
CA PRO A 46 -1.41 1.75 25.50
C PRO A 46 -2.20 0.44 25.66
N SER A 47 -3.48 0.45 25.27
CA SER A 47 -4.38 -0.73 25.30
C SER A 47 -3.84 -1.79 24.33
N LEU A 48 -4.28 -3.04 24.47
CA LEU A 48 -3.89 -4.15 23.57
C LEU A 48 -4.49 -3.93 22.17
N GLU A 49 -5.68 -3.30 22.11
N GLU A 49 -5.70 -3.34 22.12
CA GLU A 49 -6.44 -3.10 20.84
CA GLU A 49 -6.44 -3.07 20.85
C GLU A 49 -5.72 -2.06 19.98
C GLU A 49 -5.66 -2.09 19.98
N THR A 50 -5.19 -0.98 20.56
CA THR A 50 -4.42 0.07 19.85
C THR A 50 -3.08 -0.51 19.37
N ILE A 51 -2.49 -1.43 20.14
CA ILE A 51 -1.24 -2.16 19.74
C ILE A 51 -1.53 -2.94 18.45
N PHE A 52 -2.63 -3.71 18.43
CA PHE A 52 -3.07 -4.51 17.25
C PHE A 52 -3.30 -3.58 16.04
N ASN A 53 -3.90 -2.41 16.28
CA ASN A 53 -4.21 -1.40 15.22
C ASN A 53 -2.91 -0.92 14.57
N LEU A 54 -1.89 -0.60 15.37
CA LEU A 54 -0.57 -0.12 14.90
C LEU A 54 0.10 -1.21 14.05
N LEU A 55 0.08 -2.46 14.50
CA LEU A 55 0.64 -3.62 13.75
C LEU A 55 -0.08 -3.75 12.40
N ILE A 56 -1.40 -3.68 12.40
CA ILE A 56 -2.24 -3.66 11.16
C ILE A 56 -1.72 -2.54 10.26
N GLY A 57 -1.34 -1.40 10.85
CA GLY A 57 -0.70 -0.27 10.15
C GLY A 57 0.55 -0.70 9.39
N PHE A 58 1.54 -1.25 10.10
CA PHE A 58 2.80 -1.79 9.53
C PHE A 58 2.46 -2.89 8.51
N LYS A 59 1.49 -3.76 8.85
CA LYS A 59 1.05 -4.88 7.99
C LYS A 59 0.72 -4.35 6.58
N THR A 60 -0.20 -3.40 6.48
CA THR A 60 -0.61 -2.76 5.19
C THR A 60 0.62 -2.25 4.45
N HIS A 61 1.49 -1.51 5.13
CA HIS A 61 2.69 -0.86 4.53
C HIS A 61 3.64 -1.93 3.97
N ILE A 62 4.13 -2.81 4.84
CA ILE A 62 5.07 -3.92 4.52
C ILE A 62 4.59 -4.62 3.23
N GLU A 63 3.30 -4.95 3.14
CA GLU A 63 2.70 -5.65 1.97
C GLU A 63 2.80 -4.76 0.73
N TYR A 64 2.61 -3.43 0.87
CA TYR A 64 2.82 -2.45 -0.23
C TYR A 64 4.28 -2.51 -0.67
N LYS A 65 5.20 -2.41 0.29
CA LYS A 65 6.66 -2.26 0.05
C LYS A 65 7.27 -3.58 -0.44
N MET A 66 7.31 -4.59 0.43
CA MET A 66 8.02 -5.87 0.19
C MET A 66 7.18 -6.78 -0.72
N GLY A 67 5.86 -6.80 -0.52
CA GLY A 67 4.90 -7.53 -1.38
C GLY A 67 4.19 -8.64 -0.62
N SER A 68 2.99 -9.02 -1.10
CA SER A 68 2.14 -10.11 -0.56
C SER A 68 2.59 -11.47 -1.11
N GLU A 69 3.60 -11.48 -2.00
CA GLU A 69 4.14 -12.69 -2.70
C GLU A 69 4.49 -13.77 -1.67
N SER A 70 4.54 -15.03 -2.11
CA SER A 70 4.75 -16.22 -1.24
C SER A 70 6.08 -16.13 -0.49
N PRO A 71 7.23 -15.84 -1.16
CA PRO A 71 8.53 -15.81 -0.49
C PRO A 71 8.58 -14.81 0.67
N PHE A 72 7.82 -13.70 0.56
CA PHE A 72 7.74 -12.61 1.56
C PHE A 72 6.52 -12.80 2.49
N TYR A 73 5.45 -13.41 1.99
CA TYR A 73 4.20 -13.68 2.76
C TYR A 73 4.56 -14.26 4.12
N GLU A 74 5.40 -15.31 4.14
CA GLU A 74 5.85 -16.02 5.36
C GLU A 74 6.72 -15.08 6.22
N ILE A 75 7.67 -14.37 5.59
CA ILE A 75 8.59 -13.41 6.28
C ILE A 75 7.75 -12.36 7.01
N ASN A 76 6.68 -11.86 6.36
CA ASN A 76 5.82 -10.76 6.87
C ASN A 76 5.06 -11.24 8.12
N ASN A 77 4.31 -12.35 8.00
CA ASN A 77 3.50 -12.93 9.09
C ASN A 77 4.38 -13.21 10.31
N SER A 78 5.56 -13.81 10.09
CA SER A 78 6.55 -14.15 11.14
C SER A 78 7.11 -12.86 11.78
N TYR A 79 7.36 -11.83 10.96
CA TYR A 79 7.91 -10.52 11.41
C TYR A 79 6.91 -9.87 12.36
N LEU A 80 5.72 -9.54 11.86
CA LEU A 80 4.63 -8.86 12.63
C LEU A 80 4.43 -9.55 13.99
N ASP A 81 4.56 -10.88 14.02
CA ASP A 81 4.48 -11.69 15.27
C ASP A 81 5.62 -11.31 16.20
N GLU A 82 6.86 -11.29 15.71
CA GLU A 82 8.09 -11.04 16.52
C GLU A 82 8.07 -9.60 17.06
N ILE A 83 7.31 -8.70 16.44
CA ILE A 83 7.12 -7.28 16.89
C ILE A 83 6.05 -7.25 17.99
N LEU A 84 4.93 -7.95 17.78
CA LEU A 84 3.79 -8.03 18.74
C LEU A 84 4.31 -8.52 20.11
N ILE A 85 5.26 -9.46 20.11
CA ILE A 85 5.93 -9.99 21.32
C ILE A 85 6.81 -8.89 21.92
N MET A 86 7.67 -8.29 21.09
CA MET A 86 8.62 -7.22 21.50
C MET A 86 7.86 -6.09 22.22
N PHE A 87 6.65 -5.77 21.76
CA PHE A 87 5.79 -4.69 22.32
C PHE A 87 5.32 -5.07 23.72
N ILE A 88 4.81 -6.30 23.89
CA ILE A 88 4.22 -6.79 25.17
C ILE A 88 5.35 -7.24 26.13
N ASN A 89 6.60 -7.26 25.66
CA ASN A 89 7.82 -7.48 26.49
C ASN A 89 8.54 -6.14 26.73
N SER A 90 7.88 -5.02 26.44
CA SER A 90 8.40 -3.66 26.71
C SER A 90 8.72 -3.52 28.21
N SER A 91 9.71 -2.68 28.56
CA SER A 91 10.13 -2.41 29.96
C SER A 91 8.92 -1.96 30.79
N ASN A 92 8.02 -1.18 30.17
CA ASN A 92 6.84 -0.56 30.83
C ASN A 92 5.56 -1.34 30.47
N SER A 93 5.68 -2.57 29.98
CA SER A 93 4.53 -3.42 29.56
C SER A 93 3.70 -3.80 30.78
N THR A 94 2.38 -3.95 30.59
CA THR A 94 1.41 -4.35 31.64
C THR A 94 0.81 -5.72 31.27
N ILE A 95 1.53 -6.51 30.46
CA ILE A 95 1.07 -7.83 29.93
C ILE A 95 2.00 -8.92 30.49
N SER A 96 1.50 -9.68 31.46
CA SER A 96 2.18 -10.84 32.10
C SER A 96 1.61 -12.17 31.58
N ASP A 97 0.57 -12.11 30.74
CA ASP A 97 -0.02 -13.29 30.02
C ASP A 97 0.83 -13.56 28.77
N ARG A 98 2.16 -13.46 28.91
CA ARG A 98 3.12 -13.27 27.79
C ARG A 98 3.22 -14.52 26.91
N ASP A 99 2.39 -15.56 27.17
CA ASP A 99 2.23 -16.72 26.27
C ASP A 99 2.00 -16.21 24.86
N PRO A 100 3.04 -16.22 23.98
CA PRO A 100 2.96 -15.55 22.68
C PRO A 100 1.79 -16.08 21.85
N ASN A 101 1.61 -17.41 21.83
CA ASN A 101 0.71 -18.16 20.93
C ASN A 101 -0.75 -17.79 21.23
N GLU A 102 -1.05 -17.36 22.46
CA GLU A 102 -2.38 -16.83 22.86
C GLU A 102 -2.59 -15.44 22.22
N LEU A 103 -1.57 -14.58 22.29
CA LEU A 103 -1.62 -13.19 21.74
C LEU A 103 -1.58 -13.24 20.21
N ILE A 104 -0.61 -13.96 19.65
CA ILE A 104 -0.42 -14.14 18.18
C ILE A 104 -1.76 -14.58 17.57
N THR A 105 -2.41 -15.59 18.16
CA THR A 105 -3.71 -16.14 17.67
C THR A 105 -4.81 -15.09 17.88
N GLN A 106 -4.79 -14.39 19.02
CA GLN A 106 -5.77 -13.33 19.38
C GLN A 106 -5.71 -12.20 18.34
N PHE A 107 -4.50 -11.86 17.89
CA PHE A 107 -4.21 -10.79 16.90
C PHE A 107 -4.76 -11.19 15.53
N ASN A 108 -4.50 -12.43 15.11
CA ASN A 108 -5.00 -13.00 13.82
C ASN A 108 -6.53 -13.07 13.83
N GLU A 109 -7.13 -13.28 15.01
CA GLU A 109 -8.60 -13.39 15.18
C GLU A 109 -9.21 -11.98 15.32
N TYR A 110 -8.39 -10.97 15.66
CA TYR A 110 -8.78 -9.53 15.68
C TYR A 110 -8.69 -8.96 14.26
N TYR A 111 -7.62 -9.29 13.54
CA TYR A 111 -7.39 -8.90 12.12
C TYR A 111 -8.58 -9.33 11.27
N ASP A 112 -8.95 -10.63 11.35
CA ASP A 112 -10.05 -11.25 10.56
C ASP A 112 -11.35 -10.47 10.81
N VAL A 113 -11.70 -10.23 12.08
CA VAL A 113 -12.90 -9.45 12.50
C VAL A 113 -12.88 -8.10 11.78
N THR A 114 -11.72 -7.44 11.73
CA THR A 114 -11.50 -6.10 11.13
C THR A 114 -11.76 -6.16 9.62
N ILE A 115 -11.15 -7.13 8.93
CA ILE A 115 -11.30 -7.33 7.45
C ILE A 115 -12.79 -7.33 7.11
N LYS A 116 -13.58 -8.14 7.82
CA LYS A 116 -15.04 -8.31 7.58
C LYS A 116 -15.73 -6.95 7.65
N LYS A 117 -15.47 -6.18 8.71
CA LYS A 117 -16.05 -4.82 8.92
C LYS A 117 -15.73 -3.95 7.70
N LYS A 118 -14.45 -3.89 7.33
CA LYS A 118 -13.95 -3.09 6.17
C LYS A 118 -14.72 -3.47 4.90
N GLN A 119 -14.85 -4.78 4.62
CA GLN A 119 -15.49 -5.31 3.39
C GLN A 119 -16.99 -5.00 3.39
N ASN A 120 -17.64 -5.08 4.56
CA ASN A 120 -19.05 -4.68 4.78
C ASN A 120 -19.20 -3.20 4.40
N GLU A 121 -18.28 -2.35 4.88
CA GLU A 121 -18.31 -0.88 4.67
C GLU A 121 -18.04 -0.55 3.21
N ASN A 122 -17.19 -1.35 2.53
CA ASN A 122 -16.90 -1.22 1.08
C ASN A 122 -18.16 -1.57 0.28
N SER A 123 -18.78 -2.71 0.61
CA SER A 123 -20.00 -3.25 -0.06
C SER A 123 -21.05 -2.15 -0.20
N LYS A 124 -21.20 -1.30 0.82
CA LYS A 124 -22.17 -0.16 0.87
C LYS A 124 -21.88 0.83 -0.26
N ILE A 125 -20.60 1.03 -0.59
CA ILE A 125 -20.13 2.01 -1.62
C ILE A 125 -19.47 1.27 -2.78
N GLU A 126 -19.89 0.04 -3.06
CA GLU A 126 -19.38 -0.81 -4.17
C GLU A 126 -19.47 -0.02 -5.48
N SER A 127 -20.56 0.73 -5.66
CA SER A 127 -20.79 1.68 -6.78
C SER A 127 -19.55 2.54 -7.03
N ASP A 128 -19.18 3.36 -6.05
CA ASP A 128 -18.12 4.40 -6.17
C ASP A 128 -16.73 3.75 -6.21
N ILE A 129 -16.55 2.65 -5.46
CA ILE A 129 -15.28 1.84 -5.50
C ILE A 129 -15.11 1.32 -6.94
N PHE A 130 -16.14 0.69 -7.49
CA PHE A 130 -16.11 0.05 -8.84
C PHE A 130 -15.77 1.11 -9.89
N SER A 131 -16.57 2.19 -9.94
CA SER A 131 -16.47 3.27 -10.95
C SER A 131 -15.25 4.17 -10.68
N ASN A 132 -14.43 3.82 -9.68
CA ASN A 132 -13.13 4.47 -9.36
C ASN A 132 -13.37 5.91 -8.88
N LYS A 133 -14.58 6.22 -8.39
CA LYS A 133 -14.93 7.52 -7.76
C LYS A 133 -14.39 7.51 -6.32
N ILE A 134 -13.08 7.31 -6.17
CA ILE A 134 -12.37 7.08 -4.88
C ILE A 134 -11.08 7.89 -4.89
N LYS A 135 -10.74 8.48 -3.74
CA LYS A 135 -9.43 9.13 -3.46
C LYS A 135 -8.70 8.24 -2.45
N LEU A 136 -7.79 7.40 -2.95
CA LEU A 136 -7.07 6.36 -2.17
C LEU A 136 -5.65 6.87 -1.86
N VAL A 137 -5.38 7.19 -0.59
CA VAL A 137 -4.07 7.69 -0.11
C VAL A 137 -2.99 6.70 -0.56
N LYS A 138 -1.92 7.19 -1.20
CA LYS A 138 -0.88 6.34 -1.84
C LYS A 138 -0.15 5.54 -0.76
N GLY A 139 0.01 4.24 -0.97
CA GLY A 139 0.62 3.29 -0.02
C GLY A 139 -0.43 2.59 0.83
N THR A 140 -1.52 3.29 1.16
CA THR A 140 -2.54 2.85 2.15
C THR A 140 -3.75 2.24 1.45
N THR A 141 -4.62 1.57 2.21
CA THR A 141 -5.98 1.16 1.80
C THR A 141 -6.98 2.22 2.28
N LYS A 142 -6.49 3.26 2.97
CA LYS A 142 -7.29 4.43 3.43
C LYS A 142 -7.76 5.22 2.21
N LYS A 143 -9.08 5.44 2.11
CA LYS A 143 -9.76 6.01 0.91
C LYS A 143 -10.83 7.00 1.35
N GLU A 144 -11.20 7.90 0.44
CA GLU A 144 -12.29 8.90 0.61
C GLU A 144 -13.09 8.95 -0.69
N VAL A 145 -14.41 8.76 -0.61
CA VAL A 145 -15.31 8.83 -1.80
C VAL A 145 -15.27 10.26 -2.34
N ILE A 146 -15.28 10.39 -3.66
CA ILE A 146 -15.16 11.70 -4.40
C ILE A 146 -16.25 11.70 -5.47
N GLU A 147 -16.57 12.88 -6.04
CA GLU A 147 -17.78 13.07 -6.88
C GLU A 147 -17.55 12.48 -8.28
N LYS A 148 -16.29 12.44 -8.75
CA LYS A 148 -15.89 11.88 -10.06
C LYS A 148 -14.60 11.08 -9.91
N PRO A 149 -14.27 10.17 -10.86
CA PRO A 149 -13.03 9.39 -10.79
C PRO A 149 -11.82 10.16 -11.31
N TYR A 150 -11.40 11.19 -10.58
CA TYR A 150 -10.35 12.17 -10.99
C TYR A 150 -8.99 11.46 -11.11
N PHE A 151 -8.75 10.44 -10.29
CA PHE A 151 -7.44 9.73 -10.17
C PHE A 151 -7.38 8.54 -11.13
N ASP A 152 -8.49 8.17 -11.76
CA ASP A 152 -8.53 7.17 -12.85
C ASP A 152 -7.92 7.81 -14.11
N LEU A 153 -6.69 7.42 -14.45
CA LEU A 153 -5.93 7.94 -15.62
C LEU A 153 -6.75 7.74 -16.90
N ASN A 154 -7.40 6.58 -17.05
CA ASN A 154 -8.22 6.25 -18.25
C ASN A 154 -9.33 7.31 -18.40
N TRP A 155 -10.11 7.54 -17.35
CA TRP A 155 -11.26 8.49 -17.34
C TRP A 155 -10.79 9.89 -17.74
N LEU A 156 -9.70 10.37 -17.15
CA LEU A 156 -9.15 11.74 -17.42
C LEU A 156 -8.94 11.91 -18.93
N LEU A 157 -8.40 10.88 -19.59
CA LEU A 157 -8.01 10.91 -21.03
C LEU A 157 -9.26 10.76 -21.93
N THR A 158 -10.31 10.09 -21.45
CA THR A 158 -11.49 9.73 -22.28
C THR A 158 -12.66 10.70 -22.09
N GLN A 159 -12.79 11.36 -20.92
CA GLN A 159 -13.93 12.26 -20.59
C GLN A 159 -13.95 13.45 -21.56
N ASN A 160 -15.14 14.05 -21.76
CA ASN A 160 -15.38 15.21 -22.66
C ASN A 160 -15.94 16.40 -21.86
N GLU A 161 -15.99 16.30 -20.53
CA GLU A 161 -16.62 17.32 -19.64
C GLU A 161 -15.70 18.54 -19.53
N TYR A 162 -14.38 18.34 -19.42
CA TYR A 162 -13.39 19.38 -19.08
C TYR A 162 -12.10 19.25 -19.90
N GLU A 163 -11.46 20.39 -20.15
CA GLU A 163 -10.12 20.49 -20.78
C GLU A 163 -9.09 19.78 -19.89
N VAL A 164 -8.16 19.07 -20.50
CA VAL A 164 -6.98 18.43 -19.82
C VAL A 164 -5.74 19.26 -20.17
N PHE A 165 -4.87 19.51 -19.19
CA PHE A 165 -3.64 20.33 -19.33
C PHE A 165 -2.41 19.42 -19.24
N PHE A 166 -1.24 20.00 -19.54
CA PHE A 166 0.09 19.51 -19.15
C PHE A 166 0.78 20.61 -18.34
N ASP A 167 1.94 20.33 -17.73
CA ASP A 167 2.77 21.36 -17.06
C ASP A 167 2.92 22.53 -18.04
N ARG A 168 3.20 23.74 -17.54
CA ARG A 168 3.35 24.95 -18.39
C ARG A 168 4.70 24.92 -19.10
N SER A 169 5.04 23.78 -19.73
CA SER A 169 6.38 23.48 -20.30
C SER A 169 6.25 23.02 -21.76
N PHE A 170 6.04 21.72 -21.99
CA PHE A 170 6.05 21.07 -23.34
C PHE A 170 4.75 21.45 -24.06
N LEU A 171 4.51 22.76 -24.20
CA LEU A 171 3.19 23.34 -24.60
C LEU A 171 3.31 24.07 -25.93
N LEU A 172 2.46 25.08 -26.15
CA LEU A 172 2.08 25.59 -27.50
C LEU A 172 1.55 24.39 -28.30
N ASP A 173 0.57 23.69 -27.72
CA ASP A 173 -0.12 22.52 -28.33
C ASP A 173 -0.81 22.96 -29.63
N ASN A 174 -1.05 24.27 -29.77
CA ASN A 174 -1.34 24.93 -31.09
C ASN A 174 0.00 25.30 -31.73
N ASN A 175 0.43 24.54 -32.74
CA ASN A 175 1.61 24.85 -33.59
C ASN A 175 1.33 26.12 -34.40
N PHE A 176 0.04 26.45 -34.58
CA PHE A 176 -0.46 27.71 -35.21
C PHE A 176 -0.33 28.85 -34.19
N LEU A 177 0.90 29.37 -34.02
CA LEU A 177 1.18 30.62 -33.24
C LEU A 177 1.49 31.75 -34.24
N ASN A 178 0.67 31.85 -35.29
CA ASN A 178 0.77 32.85 -36.38
C ASN A 178 -0.66 33.26 -36.77
N LYS A 179 -1.42 33.76 -35.80
CA LYS A 179 -2.91 33.88 -35.87
C LYS A 179 -3.36 35.34 -35.69
N LYS A 180 -2.46 36.31 -35.86
CA LYS A 180 -2.74 37.77 -35.74
C LYS A 180 -3.04 38.09 -34.27
N HIS A 181 -4.26 38.54 -33.94
CA HIS A 181 -4.72 38.82 -32.56
C HIS A 181 -4.84 37.49 -31.80
N PHE A 182 -4.19 37.39 -30.64
CA PHE A 182 -3.94 36.12 -29.90
C PHE A 182 -5.26 35.52 -29.41
N THR A 183 -5.49 34.25 -29.76
CA THR A 183 -6.72 33.47 -29.43
C THR A 183 -7.28 33.94 -28.09
N GLU A 184 -8.50 34.48 -28.10
CA GLU A 184 -9.20 35.05 -26.92
C GLU A 184 -8.99 34.14 -25.70
N LYS A 185 -8.38 34.67 -24.64
CA LYS A 185 -8.26 33.99 -23.32
C LYS A 185 -7.56 32.62 -23.46
N ASP A 186 -6.90 32.36 -24.60
CA ASP A 186 -6.05 31.16 -24.81
C ASP A 186 -4.58 31.63 -24.86
N MET A 187 -4.32 32.80 -24.30
CA MET A 187 -3.00 33.26 -23.77
C MET A 187 -2.84 32.75 -22.33
N TYR A 188 -3.89 32.16 -21.76
CA TYR A 188 -3.88 31.50 -20.42
C TYR A 188 -3.82 29.97 -20.58
N TYR A 189 -4.64 29.42 -21.47
CA TYR A 189 -4.87 27.96 -21.65
C TYR A 189 -4.28 27.50 -22.99
N TYR A 190 -2.94 27.60 -23.11
CA TYR A 190 -2.12 27.03 -24.20
C TYR A 190 -1.62 25.64 -23.81
N ASN A 191 -1.97 25.20 -22.60
CA ASN A 191 -1.53 23.91 -21.99
C ASN A 191 -2.53 22.81 -22.34
N VAL A 192 -3.67 23.17 -22.92
CA VAL A 192 -4.81 22.24 -23.19
C VAL A 192 -4.40 21.28 -24.31
N LEU A 193 -4.42 19.97 -24.01
CA LEU A 193 -4.22 18.88 -25.00
C LEU A 193 -5.50 18.77 -25.85
N ASN A 194 -5.35 18.61 -27.16
CA ASN A 194 -6.48 18.46 -28.12
C ASN A 194 -6.99 17.01 -28.08
N ASP A 195 -8.17 16.76 -28.66
CA ASP A 195 -8.84 15.43 -28.68
C ASP A 195 -7.93 14.40 -29.36
N ASN A 196 -7.19 14.80 -30.40
CA ASN A 196 -6.28 13.90 -31.17
C ASN A 196 -5.22 13.36 -30.22
N ASP A 197 -4.45 14.26 -29.59
CA ASP A 197 -3.33 13.92 -28.67
C ASP A 197 -3.79 12.95 -27.59
N LEU A 198 -4.90 13.26 -26.91
CA LEU A 198 -5.47 12.45 -25.80
C LEU A 198 -5.66 11.00 -26.26
N LYS A 199 -6.29 10.80 -27.43
CA LYS A 199 -6.61 9.45 -27.96
C LYS A 199 -5.31 8.72 -28.33
N THR A 200 -4.31 9.44 -28.86
CA THR A 200 -2.97 8.88 -29.19
C THR A 200 -2.28 8.42 -27.90
N ILE A 201 -2.42 9.18 -26.81
CA ILE A 201 -1.82 8.87 -25.48
C ILE A 201 -2.57 7.69 -24.86
N LYS A 202 -3.91 7.68 -24.95
CA LYS A 202 -4.76 6.59 -24.41
C LYS A 202 -4.38 5.27 -25.09
N ASP A 203 -4.28 5.29 -26.43
CA ASP A 203 -3.96 4.11 -27.27
C ASP A 203 -2.55 3.61 -26.92
N GLU A 204 -1.56 4.51 -26.90
CA GLU A 204 -0.17 4.26 -26.42
C GLU A 204 -0.22 3.40 -25.15
N ILE A 205 -0.92 3.89 -24.12
CA ILE A 205 -1.00 3.25 -22.77
C ILE A 205 -1.77 1.93 -22.88
N VAL A 206 -2.89 1.92 -23.60
CA VAL A 206 -3.74 0.72 -23.84
C VAL A 206 -2.86 -0.39 -24.43
N VAL A 207 -1.97 -0.06 -25.36
CA VAL A 207 -0.99 -1.01 -25.96
C VAL A 207 0.00 -1.44 -24.87
N PHE A 208 0.78 -0.48 -24.36
CA PHE A 208 1.84 -0.66 -23.33
C PHE A 208 1.38 -1.65 -22.25
N LEU A 209 0.20 -1.43 -21.66
CA LEU A 209 -0.34 -2.24 -20.55
C LEU A 209 -0.73 -3.64 -21.08
N LEU A 210 -1.23 -3.73 -22.32
CA LEU A 210 -1.84 -4.95 -22.90
C LEU A 210 -0.76 -5.99 -23.27
N ASN A 211 0.45 -5.55 -23.66
CA ASN A 211 1.59 -6.46 -23.94
C ASN A 211 2.38 -6.71 -22.65
N LYS A 212 1.80 -6.33 -21.49
CA LYS A 212 2.15 -6.86 -20.15
C LYS A 212 0.84 -7.31 -19.48
N TYR A 213 0.86 -7.51 -18.16
CA TYR A 213 -0.34 -7.71 -17.31
C TYR A 213 -1.30 -8.69 -18.02
N ASN A 214 -2.61 -8.47 -17.90
CA ASN A 214 -3.65 -9.41 -18.40
C ASN A 214 -4.98 -8.66 -18.53
N TYR A 215 -5.45 -8.45 -19.77
CA TYR A 215 -6.76 -7.82 -20.09
C TYR A 215 -7.88 -8.66 -19.46
N ILE A 216 -8.86 -7.99 -18.85
CA ILE A 216 -10.03 -8.62 -18.17
C ILE A 216 -11.25 -8.46 -19.10
N LYS A 217 -11.85 -9.58 -19.51
CA LYS A 217 -13.01 -9.63 -20.44
C LYS A 217 -14.22 -8.96 -19.77
N ASN A 218 -14.67 -9.51 -18.64
CA ASN A 218 -15.85 -9.03 -17.88
C ASN A 218 -15.37 -8.24 -16.66
N LYS A 219 -15.76 -6.97 -16.56
CA LYS A 219 -15.45 -6.07 -15.41
C LYS A 219 -16.43 -6.37 -14.27
N ASP A 220 -17.73 -6.08 -14.46
CA ASP A 220 -18.82 -6.37 -13.48
C ASP A 220 -18.48 -7.69 -12.78
N ASP A 221 -18.27 -8.75 -13.56
CA ASP A 221 -18.13 -10.16 -13.08
C ASP A 221 -16.84 -10.31 -12.25
N PHE A 222 -15.67 -10.14 -12.88
CA PHE A 222 -14.33 -10.38 -12.28
C PHE A 222 -14.20 -9.67 -10.93
N PHE A 223 -14.72 -8.44 -10.84
CA PHE A 223 -14.73 -7.60 -9.62
C PHE A 223 -15.65 -8.23 -8.57
N ASN A 224 -16.88 -8.60 -8.97
CA ASN A 224 -17.97 -9.09 -8.08
C ASN A 224 -17.53 -10.35 -7.33
N ILE A 225 -16.80 -11.26 -8.00
CA ILE A 225 -16.32 -12.54 -7.41
C ILE A 225 -15.10 -12.27 -6.52
N PHE A 226 -14.28 -11.27 -6.87
CA PHE A 226 -13.03 -10.91 -6.15
C PHE A 226 -13.37 -10.33 -4.77
N THR A 227 -14.45 -9.56 -4.70
CA THR A 227 -14.93 -8.84 -3.49
C THR A 227 -16.14 -9.57 -2.92
N ASN A 228 -15.96 -10.38 -1.87
CA ASN A 228 -17.05 -11.13 -1.17
C ASN A 228 -16.45 -11.94 -0.01
N SER A 229 -17.30 -12.70 0.69
CA SER A 229 -16.93 -13.54 1.87
C SER A 229 -16.75 -15.02 1.44
N GLU A 230 -16.43 -15.26 0.17
CA GLU A 230 -16.13 -16.61 -0.39
C GLU A 230 -14.66 -16.94 -0.09
N ASP A 231 -14.34 -18.24 -0.01
CA ASP A 231 -13.00 -18.77 0.36
C ASP A 231 -11.96 -18.29 -0.67
N ASP A 232 -10.74 -18.03 -0.21
CA ASP A 232 -9.60 -17.54 -1.05
C ASP A 232 -9.29 -18.56 -2.15
N LYS A 233 -9.07 -19.82 -1.76
CA LYS A 233 -8.61 -20.91 -2.66
C LYS A 233 -9.72 -21.27 -3.66
N THR A 234 -10.98 -21.00 -3.34
CA THR A 234 -12.15 -21.27 -4.22
C THR A 234 -12.21 -20.23 -5.34
N LYS A 235 -11.95 -18.95 -5.03
CA LYS A 235 -12.14 -17.81 -5.97
C LYS A 235 -10.92 -17.63 -6.88
N ARG A 236 -9.71 -18.02 -6.43
CA ARG A 236 -8.46 -17.95 -7.25
C ARG A 236 -8.67 -18.77 -8.52
N ASP A 237 -9.24 -19.97 -8.39
CA ASP A 237 -9.64 -20.85 -9.53
C ASP A 237 -10.54 -20.05 -10.47
N ALA A 238 -11.58 -19.41 -9.91
CA ALA A 238 -12.64 -18.67 -10.62
C ALA A 238 -12.06 -17.44 -11.36
N LEU A 239 -11.04 -16.79 -10.79
CA LEU A 239 -10.34 -15.62 -11.40
C LEU A 239 -9.52 -16.11 -12.60
N TYR A 240 -8.77 -17.21 -12.43
CA TYR A 240 -7.95 -17.86 -13.50
C TYR A 240 -8.85 -18.26 -14.67
N LYS A 241 -10.11 -18.63 -14.40
CA LYS A 241 -11.10 -19.07 -15.42
C LYS A 241 -11.42 -17.90 -16.37
N ILE A 242 -11.52 -16.67 -15.84
CA ILE A 242 -11.80 -15.44 -16.63
C ILE A 242 -10.55 -15.04 -17.42
N LEU A 243 -9.36 -15.27 -16.84
CA LEU A 243 -8.05 -14.89 -17.45
C LEU A 243 -7.64 -15.94 -18.50
N TYR A 244 -8.04 -17.20 -18.31
CA TYR A 244 -7.76 -18.34 -19.22
C TYR A 244 -9.00 -19.25 -19.31
N GLU A 245 -9.74 -19.17 -20.42
CA GLU A 245 -10.96 -19.98 -20.67
C GLU A 245 -10.55 -21.35 -21.23
N PRO B 5 28.50 -11.74 4.72
CA PRO B 5 27.39 -11.22 5.53
C PRO B 5 27.87 -10.36 6.71
N MET B 6 28.36 -10.99 7.79
CA MET B 6 28.85 -10.31 9.02
C MET B 6 27.70 -9.43 9.59
N VAL B 7 27.88 -8.11 9.66
CA VAL B 7 26.80 -7.12 9.97
C VAL B 7 26.80 -6.05 8.87
N THR B 8 27.15 -6.43 7.64
CA THR B 8 27.25 -5.54 6.45
C THR B 8 26.00 -5.67 5.59
N LYS B 9 24.85 -5.95 6.21
CA LYS B 9 23.51 -5.92 5.56
C LYS B 9 22.71 -4.76 6.16
N GLU B 10 23.41 -3.63 6.38
CA GLU B 10 22.81 -2.27 6.51
C GLU B 10 22.42 -1.81 5.10
N PHE B 11 23.09 -2.37 4.08
CA PHE B 11 22.82 -2.14 2.64
C PHE B 11 21.34 -2.43 2.35
N LEU B 12 20.83 -3.55 2.86
CA LEU B 12 19.41 -3.98 2.67
C LEU B 12 18.48 -3.00 3.40
N LYS B 13 18.78 -2.70 4.67
CA LYS B 13 18.01 -1.76 5.52
C LYS B 13 17.82 -0.42 4.80
N ILE B 14 18.80 0.01 4.00
CA ILE B 14 18.84 1.37 3.39
C ILE B 14 18.15 1.35 2.02
N LYS B 15 18.44 0.38 1.14
CA LYS B 15 17.89 0.36 -0.25
C LYS B 15 16.42 -0.09 -0.22
N LEU B 16 16.10 -1.15 0.52
CA LEU B 16 14.71 -1.65 0.67
C LEU B 16 13.94 -0.76 1.66
N GLU B 17 14.67 0.00 2.49
CA GLU B 17 14.10 0.94 3.51
C GLU B 17 13.26 0.15 4.52
N CYS B 18 13.70 -1.06 4.88
CA CYS B 18 13.00 -1.97 5.82
C CYS B 18 13.73 -2.00 7.17
N SER B 19 13.07 -2.49 8.22
CA SER B 19 13.57 -2.53 9.61
C SER B 19 14.74 -3.52 9.71
N ASP B 20 15.66 -3.26 10.65
CA ASP B 20 16.85 -4.11 10.96
C ASP B 20 16.39 -5.58 11.07
N MET B 21 15.36 -5.84 11.87
CA MET B 21 14.82 -7.19 12.16
C MET B 21 14.38 -7.87 10.86
N TYR B 22 13.71 -7.13 9.98
CA TYR B 22 13.17 -7.65 8.68
C TYR B 22 14.33 -7.99 7.75
N ALA B 23 15.36 -7.13 7.71
CA ALA B 23 16.60 -7.32 6.93
C ALA B 23 17.30 -8.61 7.38
N GLN B 24 17.21 -8.95 8.67
CA GLN B 24 17.76 -10.21 9.23
C GLN B 24 16.89 -11.39 8.77
N LYS B 25 15.56 -11.25 8.87
CA LYS B 25 14.57 -12.30 8.50
C LYS B 25 14.67 -12.62 7.00
N LEU B 26 15.18 -11.68 6.19
CA LEU B 26 15.55 -11.94 4.77
C LEU B 26 16.78 -12.85 4.73
N ILE B 27 17.87 -12.42 5.38
CA ILE B 27 19.14 -13.18 5.52
C ILE B 27 18.81 -14.58 6.05
N ASP B 28 17.90 -14.67 7.01
CA ASP B 28 17.44 -15.92 7.67
C ASP B 28 16.97 -16.94 6.62
N GLU B 29 16.37 -16.47 5.52
CA GLU B 29 16.00 -17.32 4.35
C GLU B 29 17.28 -17.75 3.63
N ALA B 30 17.53 -19.06 3.55
CA ALA B 30 18.75 -19.67 2.97
C ALA B 30 20.00 -19.05 3.62
N GLN B 31 19.98 -18.88 4.94
CA GLN B 31 21.06 -18.22 5.73
C GLN B 31 22.32 -19.09 5.67
N GLY B 32 23.46 -18.49 5.37
CA GLY B 32 24.73 -19.20 5.11
C GLY B 32 24.82 -19.67 3.66
N ASP B 33 23.68 -20.06 3.08
CA ASP B 33 23.52 -20.41 1.65
C ASP B 33 23.13 -19.15 0.86
N GLU B 34 23.94 -18.09 0.96
CA GLU B 34 23.75 -16.82 0.19
C GLU B 34 23.75 -17.15 -1.30
N ASN B 35 24.48 -18.22 -1.69
CA ASN B 35 24.53 -18.79 -3.06
C ASN B 35 23.11 -19.23 -3.47
N LYS B 36 22.49 -20.12 -2.69
CA LYS B 36 21.10 -20.61 -2.90
C LYS B 36 20.14 -19.42 -2.86
N LEU B 37 20.41 -18.45 -1.97
CA LEU B 37 19.53 -17.28 -1.68
C LEU B 37 19.44 -16.34 -2.89
N TYR B 38 20.54 -16.20 -3.65
CA TYR B 38 20.72 -15.18 -4.72
C TYR B 38 19.55 -15.19 -5.71
N ASP B 39 18.93 -16.35 -5.96
CA ASP B 39 17.76 -16.49 -6.87
C ASP B 39 16.61 -15.63 -6.35
N LEU B 40 16.37 -15.63 -5.03
CA LEU B 40 15.33 -14.81 -4.35
C LEU B 40 15.92 -13.49 -3.85
N PHE B 41 17.19 -13.50 -3.41
CA PHE B 41 17.97 -12.31 -2.99
C PHE B 41 17.91 -11.25 -4.11
N ILE B 42 17.88 -11.73 -5.37
CA ILE B 42 17.73 -10.89 -6.60
C ILE B 42 16.38 -11.21 -7.25
N GLN B 43 15.28 -10.75 -6.64
CA GLN B 43 13.88 -10.91 -7.16
C GLN B 43 13.14 -9.57 -7.05
N LYS B 44 12.62 -9.24 -5.86
CA LYS B 44 12.02 -7.91 -5.56
C LYS B 44 13.16 -6.88 -5.43
N LEU B 45 14.38 -7.36 -5.18
CA LEU B 45 15.63 -6.56 -5.12
C LEU B 45 16.15 -6.30 -6.54
N ALA B 46 15.60 -6.99 -7.55
CA ALA B 46 16.03 -6.89 -8.97
C ALA B 46 15.14 -5.89 -9.73
N GLU B 47 13.83 -6.18 -9.84
CA GLU B 47 12.85 -5.42 -10.65
C GLU B 47 12.47 -4.11 -9.92
N ARG B 48 12.97 -3.89 -8.70
CA ARG B 48 12.83 -2.62 -7.94
C ARG B 48 13.34 -1.45 -8.79
#